data_1IUU
#
_entry.id   1IUU
#
_cell.length_a   71.890
_cell.length_b   146.540
_cell.length_c   87.940
_cell.angle_alpha   90.00
_cell.angle_beta   90.00
_cell.angle_gamma   90.00
#
_symmetry.space_group_name_H-M   'C 2 2 21'
#
loop_
_entity.id
_entity.type
_entity.pdbx_description
1 polymer 'P-HYDROXYBENZOATE HYDROXYLASE'
2 non-polymer 'FLAVIN-ADENINE DINUCLEOTIDE'
3 non-polymer '4-AMINOBENZOIC ACID'
4 water water
#
_entity_poly.entity_id   1
_entity_poly.type   'polypeptide(L)'
_entity_poly.pdbx_seq_one_letter_code
;MKTQVAIIGAGPSGLLLGQLLHKAGIDNVILERQTPDYVLGRIRAGVLEQGMVDLLREAGVDRRMARDGLVHEGVEIAFA
GQRRRIDLKRLSGGKTVTVYGQTEVTRDLMEAREACGATTVYQAAEVRLHDLQGERPYVTFERDGERLRLDCDYIAGCDG
FHGISRQSIPAERLKVFERVYPFGWLGLLADTPPVSHELIYANHPRGFALCSQRSATRSRYYVQVPLSEKVEDWSDERFW
TELKARLPSEVAEKLVTGPSLEKSIAPLRSFVVEPMQHGRLFLAGDAAHIVPPTGAKGLNLAASDVSTLYRLLLKAYREG
RGELLERYSAICLRRIWKAERFSWWMTSVLHRFPDTDAFSQRIQQTELEYYLGSEAGLATIAENYVGLPYEEIE
;
_entity_poly.pdbx_strand_id   A
#
loop_
_chem_comp.id
_chem_comp.type
_chem_comp.name
_chem_comp.formula
FAD non-polymer 'FLAVIN-ADENINE DINUCLEOTIDE' 'C27 H33 N9 O15 P2'
PAB non-polymer '4-AMINOBENZOIC ACID' 'C7 H7 N O2'
#
# COMPACT_ATOMS: atom_id res chain seq x y z
N MET A 1 31.43 9.44 -0.82
CA MET A 1 30.55 8.46 -0.11
C MET A 1 30.22 7.36 -1.11
N LYS A 2 30.32 6.08 -0.71
CA LYS A 2 30.03 5.00 -1.62
C LYS A 2 29.30 3.83 -0.98
N THR A 3 28.41 3.21 -1.74
CA THR A 3 27.64 2.08 -1.25
C THR A 3 27.39 1.14 -2.43
N GLN A 4 26.65 0.06 -2.18
CA GLN A 4 26.33 -0.85 -3.26
C GLN A 4 24.97 -0.48 -3.86
N VAL A 5 23.95 -0.36 -3.01
CA VAL A 5 22.63 0.01 -3.49
C VAL A 5 22.12 1.26 -2.79
N ALA A 6 21.87 2.29 -3.57
CA ALA A 6 21.34 3.55 -3.07
C ALA A 6 19.81 3.43 -3.10
N ILE A 7 19.15 3.80 -2.01
CA ILE A 7 17.70 3.71 -1.90
C ILE A 7 17.12 5.09 -1.62
N ILE A 8 16.23 5.56 -2.50
CA ILE A 8 15.60 6.87 -2.33
C ILE A 8 14.24 6.65 -1.69
N GLY A 9 14.07 7.13 -0.47
CA GLY A 9 12.81 6.97 0.22
C GLY A 9 12.87 6.04 1.41
N ALA A 10 12.44 6.56 2.54
CA ALA A 10 12.42 5.78 3.77
C ALA A 10 11.01 5.44 4.23
N GLY A 11 10.14 5.16 3.27
CA GLY A 11 8.80 4.73 3.63
C GLY A 11 8.93 3.23 3.77
N PRO A 12 7.81 2.48 3.81
CA PRO A 12 7.98 1.02 3.96
C PRO A 12 8.78 0.28 2.89
N SER A 13 8.63 0.66 1.62
CA SER A 13 9.36 0.02 0.52
C SER A 13 10.86 0.13 0.72
N GLY A 14 11.36 1.35 0.87
CA GLY A 14 12.77 1.56 1.05
C GLY A 14 13.32 0.88 2.28
N LEU A 15 12.64 1.00 3.42
CA LEU A 15 13.11 0.35 4.65
C LEU A 15 13.11 -1.14 4.53
N LEU A 16 12.04 -1.72 3.99
CA LEU A 16 11.97 -3.18 3.84
C LEU A 16 13.07 -3.71 2.93
N LEU A 17 13.26 -3.07 1.79
CA LEU A 17 14.29 -3.46 0.85
C LEU A 17 15.66 -3.32 1.50
N GLY A 18 15.88 -2.19 2.18
CA GLY A 18 17.15 -1.95 2.84
C GLY A 18 17.46 -2.97 3.92
N GLN A 19 16.44 -3.45 4.63
CA GLN A 19 16.63 -4.42 5.70
C GLN A 19 16.98 -5.79 5.13
N LEU A 20 16.26 -6.21 4.09
CA LEU A 20 16.51 -7.47 3.45
C LEU A 20 17.91 -7.46 2.89
N LEU A 21 18.30 -6.36 2.25
CA LEU A 21 19.61 -6.26 1.68
C LEU A 21 20.71 -6.28 2.72
N HIS A 22 20.51 -5.55 3.80
CA HIS A 22 21.51 -5.51 4.84
C HIS A 22 21.74 -6.89 5.41
N LYS A 23 20.67 -7.59 5.76
CA LYS A 23 20.78 -8.93 6.32
C LYS A 23 21.51 -9.95 5.43
N ALA A 24 21.56 -9.69 4.13
CA ALA A 24 22.23 -10.60 3.20
C ALA A 24 23.64 -10.16 2.86
N GLY A 25 24.08 -9.05 3.43
CA GLY A 25 25.43 -8.57 3.16
C GLY A 25 25.60 -7.55 2.05
N ILE A 26 24.50 -7.04 1.53
CA ILE A 26 24.57 -6.05 0.44
C ILE A 26 24.36 -4.68 1.05
N ASP A 27 25.44 -3.92 1.11
CA ASP A 27 25.38 -2.59 1.69
C ASP A 27 24.45 -1.71 0.94
N ASN A 28 23.76 -0.84 1.67
CA ASN A 28 22.81 0.07 1.07
C ASN A 28 22.65 1.30 1.91
N VAL A 29 22.37 2.42 1.26
CA VAL A 29 22.18 3.68 1.96
C VAL A 29 20.79 4.17 1.59
N ILE A 30 20.03 4.69 2.54
CA ILE A 30 18.71 5.22 2.24
C ILE A 30 18.73 6.75 2.36
N LEU A 31 18.17 7.46 1.37
CA LEU A 31 18.08 8.92 1.40
C LEU A 31 16.61 9.26 1.53
N GLU A 32 16.24 10.09 2.51
CA GLU A 32 14.85 10.49 2.72
C GLU A 32 14.74 12.00 2.83
N ARG A 33 13.79 12.57 2.09
CA ARG A 33 13.55 14.02 2.08
C ARG A 33 13.07 14.56 3.43
N GLN A 34 12.18 13.83 4.07
CA GLN A 34 11.60 14.24 5.35
C GLN A 34 12.36 13.79 6.59
N THR A 35 11.76 14.09 7.74
CA THR A 35 12.33 13.70 9.02
C THR A 35 11.63 12.42 9.47
N PRO A 36 12.25 11.68 10.40
CA PRO A 36 11.68 10.45 10.91
C PRO A 36 10.26 10.67 11.41
N ASP A 37 10.05 11.78 12.12
CA ASP A 37 8.73 12.10 12.67
C ASP A 37 7.66 12.33 11.62
N TYR A 38 8.02 13.00 10.53
CA TYR A 38 7.06 13.26 9.46
C TYR A 38 6.62 11.91 8.90
N VAL A 39 7.58 11.06 8.55
CA VAL A 39 7.26 9.75 8.00
C VAL A 39 6.37 8.94 8.94
N LEU A 40 6.66 9.00 10.22
CA LEU A 40 5.87 8.25 11.20
C LEU A 40 4.47 8.84 11.43
N GLY A 41 4.22 10.02 10.88
CA GLY A 41 2.91 10.63 11.03
C GLY A 41 1.82 10.14 10.07
N ARG A 42 2.23 9.50 8.97
CA ARG A 42 1.29 8.99 7.96
C ARG A 42 0.57 7.74 8.47
N ILE A 43 -0.76 7.78 8.50
CA ILE A 43 -1.53 6.63 9.00
C ILE A 43 -1.61 5.50 7.96
N ARG A 44 -2.21 5.83 6.83
CA ARG A 44 -2.36 4.90 5.70
C ARG A 44 -2.89 3.48 5.95
N ALA A 45 -2.18 2.49 5.43
CA ALA A 45 -2.58 1.10 5.48
C ALA A 45 -2.84 0.42 6.79
N GLY A 46 -3.73 -0.58 6.74
CA GLY A 46 -4.05 -1.37 7.92
C GLY A 46 -4.09 -2.87 7.65
N VAL A 47 -4.25 -3.25 6.37
CA VAL A 47 -4.36 -4.67 5.99
C VAL A 47 -3.16 -5.21 5.22
N LEU A 48 -2.61 -6.31 5.74
CA LEU A 48 -1.43 -6.96 5.15
C LEU A 48 -1.74 -8.37 4.65
N GLU A 49 -1.21 -8.72 3.49
CA GLU A 49 -1.38 -10.06 2.93
C GLU A 49 -0.40 -10.99 3.63
N GLN A 50 -0.60 -12.29 3.48
CA GLN A 50 0.27 -13.26 4.12
C GLN A 50 1.67 -13.13 3.55
N GLY A 51 1.76 -12.77 2.28
CA GLY A 51 3.08 -12.64 1.66
C GLY A 51 3.92 -11.54 2.28
N MET A 52 3.25 -10.46 2.70
CA MET A 52 3.92 -9.34 3.31
C MET A 52 4.34 -9.72 4.75
N VAL A 53 3.49 -10.50 5.41
CA VAL A 53 3.77 -10.96 6.76
C VAL A 53 5.02 -11.86 6.75
N ASP A 54 5.16 -12.70 5.71
CA ASP A 54 6.33 -13.59 5.61
C ASP A 54 7.62 -12.84 5.27
N LEU A 55 7.50 -11.76 4.52
CA LEU A 55 8.64 -10.95 4.14
C LEU A 55 9.17 -10.23 5.38
N LEU A 56 8.26 -9.77 6.23
CA LEU A 56 8.67 -9.08 7.45
C LEU A 56 9.44 -10.06 8.34
N ARG A 57 9.00 -11.32 8.37
CA ARG A 57 9.68 -12.35 9.17
C ARG A 57 11.06 -12.60 8.60
N GLU A 58 11.16 -12.69 7.28
CA GLU A 58 12.43 -12.92 6.63
C GLU A 58 13.40 -11.77 6.92
N ALA A 59 12.87 -10.56 7.08
CA ALA A 59 13.70 -9.40 7.39
C ALA A 59 14.01 -9.34 8.88
N GLY A 60 13.39 -10.26 9.62
CA GLY A 60 13.60 -10.36 11.07
C GLY A 60 12.93 -9.28 11.87
N VAL A 61 11.90 -8.66 11.31
CA VAL A 61 11.21 -7.58 12.01
C VAL A 61 9.76 -7.95 12.22
N ASP A 62 9.53 -9.11 12.84
CA ASP A 62 8.16 -9.55 13.04
C ASP A 62 7.72 -9.75 14.49
N ARG A 63 8.61 -9.49 15.44
CA ARG A 63 8.29 -9.67 16.86
C ARG A 63 7.02 -8.92 17.27
N ARG A 64 7.02 -7.60 17.11
CA ARG A 64 5.86 -6.82 17.49
C ARG A 64 4.63 -7.17 16.68
N MET A 65 4.81 -7.48 15.40
CA MET A 65 3.67 -7.83 14.59
C MET A 65 3.03 -9.14 15.05
N ALA A 66 3.84 -10.12 15.44
CA ALA A 66 3.29 -11.40 15.87
C ALA A 66 2.53 -11.23 17.19
N ARG A 67 2.93 -10.25 17.97
CA ARG A 67 2.30 -9.99 19.24
C ARG A 67 1.02 -9.16 19.12
N ASP A 68 1.13 -8.03 18.42
CA ASP A 68 0.04 -7.06 18.26
C ASP A 68 -0.87 -7.15 17.04
N GLY A 69 -0.41 -7.81 15.98
CA GLY A 69 -1.23 -7.92 14.77
C GLY A 69 -2.46 -8.79 14.98
N LEU A 70 -3.55 -8.45 14.30
CA LEU A 70 -4.81 -9.20 14.41
C LEU A 70 -4.97 -10.02 13.13
N VAL A 71 -5.14 -11.34 13.25
CA VAL A 71 -5.32 -12.18 12.08
C VAL A 71 -6.81 -12.29 11.79
N HIS A 72 -7.21 -11.94 10.55
CA HIS A 72 -8.62 -11.96 10.16
C HIS A 72 -8.91 -13.10 9.21
N GLU A 73 -9.98 -13.84 9.48
CA GLU A 73 -10.35 -14.97 8.63
C GLU A 73 -11.52 -14.64 7.75
N GLY A 74 -12.08 -13.45 7.91
CA GLY A 74 -13.21 -13.08 7.09
C GLY A 74 -13.37 -11.58 7.02
N VAL A 75 -14.34 -11.13 6.23
CA VAL A 75 -14.63 -9.71 6.03
C VAL A 75 -16.11 -9.64 5.60
N GLU A 76 -16.80 -8.56 5.94
CA GLU A 76 -18.21 -8.41 5.58
C GLU A 76 -18.39 -7.34 4.52
N ILE A 77 -19.43 -7.52 3.73
CA ILE A 77 -19.80 -6.57 2.70
C ILE A 77 -21.29 -6.37 2.91
N ALA A 78 -21.66 -5.12 3.12
CA ALA A 78 -23.04 -4.76 3.35
C ALA A 78 -23.58 -3.96 2.18
N PHE A 79 -24.76 -4.33 1.72
CA PHE A 79 -25.39 -3.62 0.63
C PHE A 79 -26.86 -3.95 0.66
N ALA A 80 -27.68 -3.00 0.22
CA ALA A 80 -29.14 -3.17 0.17
C ALA A 80 -29.76 -3.84 1.39
N GLY A 81 -29.48 -3.32 2.56
CA GLY A 81 -30.05 -3.88 3.77
C GLY A 81 -29.69 -5.32 4.13
N GLN A 82 -28.47 -5.76 3.82
CA GLN A 82 -28.05 -7.11 4.17
C GLN A 82 -26.55 -7.13 4.32
N ARG A 83 -26.06 -8.02 5.17
CA ARG A 83 -24.63 -8.15 5.43
C ARG A 83 -24.22 -9.56 5.01
N ARG A 84 -23.15 -9.66 4.24
CA ARG A 84 -22.68 -10.97 3.79
C ARG A 84 -21.24 -11.12 4.22
N ARG A 85 -20.93 -12.25 4.84
CA ARG A 85 -19.58 -12.51 5.29
C ARG A 85 -18.87 -13.43 4.31
N ILE A 86 -17.69 -13.02 3.88
CA ILE A 86 -16.87 -13.79 2.99
C ILE A 86 -15.85 -14.49 3.90
N ASP A 87 -15.90 -15.82 3.97
CA ASP A 87 -14.96 -16.58 4.79
C ASP A 87 -13.70 -16.74 3.96
N LEU A 88 -12.75 -15.84 4.15
CA LEU A 88 -11.49 -15.84 3.40
C LEU A 88 -10.72 -17.14 3.56
N LYS A 89 -10.57 -17.57 4.82
CA LYS A 89 -9.83 -18.78 5.13
C LYS A 89 -10.37 -20.01 4.41
N ARG A 90 -11.67 -20.23 4.50
CA ARG A 90 -12.32 -21.38 3.87
C ARG A 90 -12.25 -21.31 2.35
N LEU A 91 -12.68 -20.18 1.79
CA LEU A 91 -12.71 -19.98 0.35
C LEU A 91 -11.38 -19.85 -0.36
N SER A 92 -10.32 -19.47 0.34
CA SER A 92 -9.04 -19.34 -0.34
C SER A 92 -8.16 -20.54 -0.09
N GLY A 93 -8.65 -21.51 0.68
CA GLY A 93 -7.85 -22.69 0.96
C GLY A 93 -6.89 -22.49 2.11
N GLY A 94 -7.33 -21.73 3.11
CA GLY A 94 -6.52 -21.51 4.31
C GLY A 94 -5.75 -20.22 4.53
N LYS A 95 -5.80 -19.26 3.62
CA LYS A 95 -5.06 -18.02 3.84
C LYS A 95 -5.90 -17.00 4.61
N THR A 96 -5.23 -16.04 5.22
CA THR A 96 -5.91 -15.01 6.00
C THR A 96 -5.14 -13.73 5.73
N VAL A 97 -5.55 -12.62 6.35
CA VAL A 97 -4.85 -11.35 6.22
C VAL A 97 -4.63 -10.84 7.63
N THR A 98 -3.64 -9.99 7.80
CA THR A 98 -3.29 -9.43 9.08
C THR A 98 -3.48 -7.93 9.15
N VAL A 99 -4.11 -7.47 10.21
CA VAL A 99 -4.33 -6.06 10.43
C VAL A 99 -3.24 -5.58 11.37
N TYR A 100 -2.36 -4.74 10.85
CA TYR A 100 -1.24 -4.18 11.60
C TYR A 100 -0.97 -2.90 10.84
N GLY A 101 -1.15 -1.76 11.48
CA GLY A 101 -0.96 -0.50 10.79
C GLY A 101 0.37 -0.25 10.12
N GLN A 102 0.31 0.50 9.04
CA GLN A 102 1.50 0.86 8.28
C GLN A 102 2.46 1.66 9.17
N THR A 103 1.90 2.50 10.04
CA THR A 103 2.73 3.30 10.94
C THR A 103 3.58 2.38 11.80
N GLU A 104 2.97 1.30 12.29
CA GLU A 104 3.65 0.35 13.13
C GLU A 104 4.73 -0.41 12.39
N VAL A 105 4.41 -0.86 11.18
CA VAL A 105 5.38 -1.59 10.36
C VAL A 105 6.59 -0.71 10.11
N THR A 106 6.33 0.57 9.81
CA THR A 106 7.40 1.51 9.52
C THR A 106 8.28 1.74 10.73
N ARG A 107 7.64 1.81 11.90
CA ARG A 107 8.34 2.00 13.16
C ARG A 107 9.24 0.81 13.45
N ASP A 108 8.73 -0.39 13.22
CA ASP A 108 9.49 -1.62 13.44
C ASP A 108 10.72 -1.67 12.57
N LEU A 109 10.55 -1.29 11.30
CA LEU A 109 11.64 -1.29 10.34
C LEU A 109 12.71 -0.25 10.70
N MET A 110 12.28 0.94 11.08
CA MET A 110 13.21 2.01 11.44
C MET A 110 14.06 1.64 12.65
N GLU A 111 13.45 1.03 13.65
CA GLU A 111 14.17 0.60 14.85
C GLU A 111 15.15 -0.51 14.51
N ALA A 112 14.71 -1.40 13.62
CA ALA A 112 15.55 -2.51 13.17
C ALA A 112 16.77 -1.99 12.42
N ARG A 113 16.58 -0.99 11.56
CA ARG A 113 17.68 -0.44 10.78
C ARG A 113 18.67 0.30 11.65
N GLU A 114 18.18 1.04 12.64
CA GLU A 114 19.06 1.78 13.52
C GLU A 114 19.94 0.83 14.34
N ALA A 115 19.35 -0.24 14.85
CA ALA A 115 20.06 -1.24 15.64
C ALA A 115 21.18 -1.93 14.87
N CYS A 116 20.99 -2.14 13.57
CA CYS A 116 22.01 -2.78 12.76
C CYS A 116 23.06 -1.76 12.32
N GLY A 117 22.75 -0.49 12.56
CA GLY A 117 23.66 0.58 12.21
C GLY A 117 23.81 0.88 10.73
N ALA A 118 22.82 0.52 9.90
CA ALA A 118 22.93 0.81 8.47
C ALA A 118 22.70 2.31 8.27
N THR A 119 23.20 2.83 7.17
CA THR A 119 23.12 4.25 6.89
C THR A 119 21.75 4.73 6.42
N THR A 120 21.25 5.80 7.02
CA THR A 120 19.99 6.42 6.62
C THR A 120 20.22 7.93 6.75
N VAL A 121 20.05 8.67 5.66
CA VAL A 121 20.23 10.12 5.71
C VAL A 121 18.88 10.84 5.55
N TYR A 122 18.36 11.36 6.66
CA TYR A 122 17.11 12.10 6.64
C TYR A 122 17.38 13.54 6.23
N GLN A 123 16.34 14.23 5.79
CA GLN A 123 16.49 15.61 5.31
C GLN A 123 17.52 15.74 4.20
N ALA A 124 17.59 14.71 3.37
CA ALA A 124 18.50 14.70 2.24
C ALA A 124 17.69 15.50 1.23
N ALA A 125 18.09 16.76 1.05
CA ALA A 125 17.37 17.64 0.15
C ALA A 125 17.85 17.62 -1.29
N GLU A 126 16.93 17.94 -2.20
CA GLU A 126 17.23 18.01 -3.62
C GLU A 126 17.98 16.82 -4.20
N VAL A 127 17.49 15.61 -3.95
CA VAL A 127 18.13 14.41 -4.49
C VAL A 127 18.05 14.42 -6.02
N ARG A 128 19.17 14.13 -6.68
CA ARG A 128 19.24 14.06 -8.14
C ARG A 128 19.94 12.76 -8.48
N LEU A 129 19.50 12.13 -9.56
CA LEU A 129 20.06 10.86 -10.01
C LEU A 129 20.85 11.14 -11.27
N HIS A 130 22.03 10.50 -11.39
CA HIS A 130 22.92 10.72 -12.54
C HIS A 130 23.51 9.45 -13.16
N ASP A 131 23.86 9.55 -14.45
CA ASP A 131 24.48 8.45 -15.21
C ASP A 131 23.76 7.13 -15.03
N LEU A 132 22.43 7.18 -15.13
CA LEU A 132 21.60 5.99 -14.97
C LEU A 132 21.95 4.83 -15.91
N GLN A 133 22.55 5.14 -17.06
CA GLN A 133 22.90 4.09 -17.99
C GLN A 133 24.38 3.76 -17.99
N GLY A 134 25.14 4.51 -17.20
CA GLY A 134 26.57 4.25 -17.10
C GLY A 134 26.79 3.01 -16.24
N GLU A 135 28.04 2.60 -16.09
CA GLU A 135 28.34 1.44 -15.26
C GLU A 135 28.53 1.90 -13.81
N ARG A 136 28.60 3.21 -13.63
CA ARG A 136 28.82 3.83 -12.32
C ARG A 136 27.83 4.99 -12.08
N PRO A 137 26.56 4.69 -11.76
CA PRO A 137 25.59 5.76 -11.51
C PRO A 137 25.89 6.42 -10.14
N TYR A 138 25.35 7.61 -9.89
CA TYR A 138 25.57 8.27 -8.62
C TYR A 138 24.40 9.15 -8.27
N VAL A 139 24.30 9.51 -6.99
CA VAL A 139 23.22 10.33 -6.47
C VAL A 139 23.82 11.54 -5.79
N THR A 140 23.22 12.70 -6.00
CA THR A 140 23.70 13.89 -5.31
C THR A 140 22.54 14.39 -4.47
N PHE A 141 22.87 14.96 -3.32
CA PHE A 141 21.88 15.50 -2.42
C PHE A 141 22.53 16.60 -1.61
N GLU A 142 21.70 17.31 -0.85
CA GLU A 142 22.18 18.38 -0.01
C GLU A 142 21.83 18.08 1.43
N ARG A 143 22.80 18.27 2.31
CA ARG A 143 22.61 18.09 3.73
C ARG A 143 23.16 19.40 4.30
N ASP A 144 22.31 20.12 5.03
CA ASP A 144 22.65 21.42 5.63
C ASP A 144 23.48 22.39 4.76
N GLY A 145 23.04 22.56 3.51
CA GLY A 145 23.72 23.50 2.62
C GLY A 145 24.76 22.98 1.65
N GLU A 146 25.46 21.92 2.00
CA GLU A 146 26.49 21.37 1.11
C GLU A 146 26.03 20.19 0.28
N ARG A 147 26.35 20.24 -1.01
CA ARG A 147 25.97 19.20 -1.94
C ARG A 147 26.97 18.04 -1.89
N LEU A 148 26.48 16.87 -1.52
CA LEU A 148 27.32 15.67 -1.42
C LEU A 148 26.97 14.69 -2.54
N ARG A 149 27.90 13.81 -2.87
CA ARG A 149 27.74 12.80 -3.92
C ARG A 149 27.87 11.39 -3.33
N LEU A 150 26.97 10.50 -3.74
CA LEU A 150 26.99 9.13 -3.27
C LEU A 150 27.14 8.25 -4.50
N ASP A 151 28.17 7.43 -4.52
CA ASP A 151 28.40 6.54 -5.65
C ASP A 151 27.82 5.16 -5.35
N CYS A 152 27.24 4.50 -6.35
CA CYS A 152 26.64 3.19 -6.13
C CYS A 152 26.64 2.34 -7.40
N ASP A 153 26.17 1.10 -7.28
CA ASP A 153 26.07 0.23 -8.44
C ASP A 153 24.63 0.32 -8.98
N TYR A 154 23.65 0.40 -8.08
CA TYR A 154 22.25 0.44 -8.47
C TYR A 154 21.48 1.40 -7.62
N ILE A 155 20.36 1.87 -8.15
CA ILE A 155 19.51 2.81 -7.43
C ILE A 155 18.08 2.25 -7.40
N ALA A 156 17.47 2.19 -6.23
CA ALA A 156 16.11 1.71 -6.12
C ALA A 156 15.26 2.91 -5.73
N GLY A 157 14.35 3.30 -6.64
CA GLY A 157 13.46 4.42 -6.38
C GLY A 157 12.26 3.96 -5.59
N CYS A 158 12.30 4.24 -4.29
CA CYS A 158 11.24 3.87 -3.36
C CYS A 158 10.69 5.16 -2.76
N ASP A 159 10.56 6.17 -3.63
CA ASP A 159 10.12 7.48 -3.21
C ASP A 159 8.67 7.90 -3.43
N GLY A 160 7.77 6.93 -3.52
CA GLY A 160 6.35 7.23 -3.68
C GLY A 160 5.95 7.92 -4.96
N PHE A 161 4.66 8.23 -5.05
CA PHE A 161 4.13 8.88 -6.24
C PHE A 161 4.77 10.21 -6.62
N HIS A 162 5.19 11.01 -5.64
CA HIS A 162 5.80 12.31 -5.93
C HIS A 162 7.31 12.33 -5.88
N GLY A 163 7.91 11.16 -5.94
CA GLY A 163 9.34 11.04 -5.89
C GLY A 163 10.08 11.53 -7.12
N ILE A 164 11.39 11.63 -6.97
CA ILE A 164 12.23 12.10 -8.02
C ILE A 164 12.59 10.98 -9.00
N SER A 165 12.65 9.75 -8.53
CA SER A 165 13.07 8.65 -9.40
C SER A 165 12.30 8.42 -10.70
N ARG A 166 10.97 8.36 -10.63
CA ARG A 166 10.23 8.14 -11.86
C ARG A 166 10.41 9.32 -12.82
N GLN A 167 10.61 10.50 -12.27
CA GLN A 167 10.78 11.73 -13.06
C GLN A 167 12.13 11.78 -13.77
N SER A 168 13.05 10.91 -13.33
CA SER A 168 14.40 10.86 -13.87
C SER A 168 14.56 9.98 -15.11
N ILE A 169 13.51 9.24 -15.45
CA ILE A 169 13.52 8.35 -16.61
C ILE A 169 12.98 9.19 -17.79
N PRO A 170 13.68 9.18 -18.95
CA PRO A 170 13.19 9.97 -20.08
C PRO A 170 11.74 9.57 -20.35
N ALA A 171 10.85 10.55 -20.30
CA ALA A 171 9.41 10.33 -20.48
C ALA A 171 9.05 9.46 -21.66
N GLU A 172 9.86 9.51 -22.71
CA GLU A 172 9.61 8.72 -23.91
C GLU A 172 9.79 7.22 -23.71
N ARG A 173 10.50 6.83 -22.66
CA ARG A 173 10.75 5.42 -22.38
C ARG A 173 9.60 4.82 -21.57
N LEU A 174 8.76 5.70 -21.00
CA LEU A 174 7.66 5.26 -20.17
C LEU A 174 6.30 5.30 -20.83
N LYS A 175 5.45 4.36 -20.43
CA LYS A 175 4.09 4.24 -20.92
C LYS A 175 3.26 4.36 -19.64
N VAL A 176 2.42 5.38 -19.56
CA VAL A 176 1.60 5.65 -18.38
C VAL A 176 0.13 5.25 -18.57
N PHE A 177 -0.44 4.58 -17.57
CA PHE A 177 -1.83 4.13 -17.58
C PHE A 177 -2.43 4.73 -16.32
N GLU A 178 -3.46 5.56 -16.46
CA GLU A 178 -4.02 6.21 -15.29
C GLU A 178 -5.51 6.45 -15.34
N ARG A 179 -6.18 6.31 -14.20
CA ARG A 179 -7.60 6.59 -14.10
C ARG A 179 -7.80 7.35 -12.81
N VAL A 180 -8.52 8.47 -12.88
CA VAL A 180 -8.82 9.29 -11.72
C VAL A 180 -10.28 9.06 -11.38
N TYR A 181 -10.58 8.75 -10.12
CA TYR A 181 -11.96 8.53 -9.73
C TYR A 181 -12.54 9.87 -9.23
N PRO A 182 -13.84 10.11 -9.46
CA PRO A 182 -14.45 11.37 -9.02
C PRO A 182 -14.85 11.40 -7.55
N PHE A 183 -14.00 10.87 -6.66
CA PHE A 183 -14.28 10.88 -5.24
C PHE A 183 -13.05 10.54 -4.43
N GLY A 184 -13.12 10.80 -3.13
CA GLY A 184 -12.01 10.50 -2.26
C GLY A 184 -12.55 9.81 -1.02
N TRP A 185 -11.65 9.43 -0.13
CA TRP A 185 -12.05 8.81 1.12
C TRP A 185 -11.69 9.74 2.26
N LEU A 186 -12.64 9.99 3.15
CA LEU A 186 -12.41 10.81 4.32
C LEU A 186 -12.20 9.77 5.42
N GLY A 187 -10.98 9.68 5.96
CA GLY A 187 -10.69 8.72 7.01
C GLY A 187 -10.59 9.34 8.39
N LEU A 188 -11.00 8.62 9.43
CA LEU A 188 -10.94 9.12 10.80
C LEU A 188 -10.40 8.05 11.73
N LEU A 189 -9.31 8.35 12.44
CA LEU A 189 -8.70 7.41 13.39
C LEU A 189 -9.17 7.82 14.79
N ALA A 190 -9.63 6.88 15.60
CA ALA A 190 -10.11 7.18 16.94
C ALA A 190 -9.67 6.12 17.94
N ASP A 191 -9.49 6.51 19.19
CA ASP A 191 -9.10 5.58 20.24
C ASP A 191 -10.40 5.01 20.82
N THR A 192 -11.13 4.28 20.00
CA THR A 192 -12.39 3.67 20.40
C THR A 192 -12.37 2.20 19.93
N PRO A 193 -13.06 1.30 20.65
CA PRO A 193 -13.07 -0.10 20.23
C PRO A 193 -13.82 -0.20 18.89
N PRO A 194 -13.33 -1.05 17.96
CA PRO A 194 -14.01 -1.18 16.67
C PRO A 194 -15.40 -1.76 16.84
N VAL A 195 -16.27 -1.39 15.90
CA VAL A 195 -17.64 -1.83 15.90
C VAL A 195 -17.77 -3.32 15.59
N SER A 196 -16.73 -3.93 15.04
CA SER A 196 -16.80 -5.35 14.72
C SER A 196 -15.42 -5.94 14.76
N HIS A 197 -15.36 -7.26 14.89
CA HIS A 197 -14.08 -7.95 14.94
C HIS A 197 -13.48 -8.19 13.56
N GLU A 198 -14.25 -7.88 12.53
CA GLU A 198 -13.81 -8.03 11.14
C GLU A 198 -14.24 -6.75 10.44
N LEU A 199 -13.61 -6.47 9.30
CA LEU A 199 -13.92 -5.27 8.54
C LEU A 199 -15.29 -5.31 7.88
N ILE A 200 -15.89 -4.16 7.69
CA ILE A 200 -17.20 -4.10 7.04
C ILE A 200 -17.12 -3.07 5.94
N TYR A 201 -17.27 -3.53 4.71
CA TYR A 201 -17.25 -2.64 3.56
C TYR A 201 -18.74 -2.40 3.28
N ALA A 202 -19.15 -1.16 3.10
CA ALA A 202 -20.56 -0.92 2.88
C ALA A 202 -20.90 -0.10 1.65
N ASN A 203 -21.81 -0.64 0.83
CA ASN A 203 -22.29 0.08 -0.34
C ASN A 203 -23.64 0.61 0.16
N HIS A 204 -23.77 1.91 0.20
CA HIS A 204 -25.02 2.51 0.66
C HIS A 204 -25.36 3.60 -0.33
N PRO A 205 -26.67 3.89 -0.51
CA PRO A 205 -27.08 4.94 -1.46
C PRO A 205 -26.35 6.27 -1.27
N ARG A 206 -26.02 6.61 -0.02
CA ARG A 206 -25.32 7.87 0.26
C ARG A 206 -23.84 7.83 -0.11
N GLY A 207 -23.30 6.62 -0.27
CA GLY A 207 -21.90 6.49 -0.60
C GLY A 207 -21.28 5.38 0.22
N PHE A 208 -20.04 5.07 -0.13
CA PHE A 208 -19.28 4.01 0.51
C PHE A 208 -18.87 4.36 1.94
N ALA A 209 -18.80 3.34 2.79
CA ALA A 209 -18.35 3.46 4.16
C ALA A 209 -17.53 2.20 4.50
N LEU A 210 -16.48 2.35 5.29
CA LEU A 210 -15.64 1.21 5.65
C LEU A 210 -15.31 1.27 7.12
N CYS A 211 -15.55 0.18 7.83
CA CYS A 211 -15.25 0.07 9.27
C CYS A 211 -14.03 -0.80 9.45
N SER A 212 -12.94 -0.19 9.88
CA SER A 212 -11.71 -0.91 10.08
C SER A 212 -11.20 -0.74 11.50
N GLN A 213 -9.97 -1.15 11.74
CA GLN A 213 -9.41 -1.11 13.07
C GLN A 213 -7.90 -1.14 13.03
N ARG A 214 -7.29 -0.87 14.18
CA ARG A 214 -5.84 -0.89 14.32
C ARG A 214 -5.50 -1.85 15.47
N SER A 215 -6.37 -1.91 16.48
CA SER A 215 -6.17 -2.80 17.62
C SER A 215 -7.51 -2.94 18.31
N ALA A 216 -7.51 -3.53 19.50
CA ALA A 216 -8.75 -3.71 20.23
C ALA A 216 -9.32 -2.41 20.79
N THR A 217 -8.51 -1.36 20.82
CA THR A 217 -8.98 -0.09 21.34
C THR A 217 -8.74 1.08 20.40
N ARG A 218 -8.44 0.77 19.14
CA ARG A 218 -8.21 1.82 18.15
C ARG A 218 -8.91 1.48 16.83
N SER A 219 -9.72 2.42 16.34
CA SER A 219 -10.47 2.23 15.12
C SER A 219 -10.09 3.16 13.99
N ARG A 220 -10.43 2.74 12.78
CA ARG A 220 -10.18 3.53 11.58
C ARG A 220 -11.43 3.38 10.72
N TYR A 221 -12.10 4.51 10.44
CA TYR A 221 -13.32 4.51 9.62
C TYR A 221 -13.13 5.39 8.39
N TYR A 222 -13.85 5.09 7.32
CA TYR A 222 -13.75 5.89 6.10
C TYR A 222 -15.12 6.07 5.50
N VAL A 223 -15.32 7.19 4.83
CA VAL A 223 -16.58 7.42 4.15
C VAL A 223 -16.23 8.09 2.82
N GLN A 224 -16.91 7.67 1.78
CA GLN A 224 -16.70 8.25 0.45
C GLN A 224 -17.12 9.70 0.52
N VAL A 225 -16.41 10.54 -0.19
CA VAL A 225 -16.70 11.96 -0.12
C VAL A 225 -16.33 12.57 -1.49
N PRO A 226 -17.08 13.59 -1.95
CA PRO A 226 -16.84 14.28 -3.23
C PRO A 226 -15.44 14.89 -3.22
N LEU A 227 -14.88 15.14 -4.39
CA LEU A 227 -13.53 15.71 -4.46
C LEU A 227 -13.46 17.18 -3.98
N SER A 228 -14.62 17.84 -4.00
CA SER A 228 -14.72 19.23 -3.59
C SER A 228 -14.63 19.43 -2.07
N GLU A 229 -14.68 18.35 -1.30
CA GLU A 229 -14.64 18.46 0.15
C GLU A 229 -13.30 18.86 0.73
N LYS A 230 -13.38 19.63 1.80
CA LYS A 230 -12.22 20.11 2.53
C LYS A 230 -12.38 19.48 3.91
N VAL A 231 -11.30 18.96 4.46
CA VAL A 231 -11.38 18.34 5.77
C VAL A 231 -11.89 19.26 6.90
N GLU A 232 -11.57 20.56 6.84
CA GLU A 232 -12.03 21.49 7.88
C GLU A 232 -13.56 21.63 7.89
N ASP A 233 -14.22 21.10 6.86
CA ASP A 233 -15.68 21.15 6.77
C ASP A 233 -16.31 19.92 7.45
N TRP A 234 -15.48 19.01 7.95
CA TRP A 234 -16.00 17.82 8.60
C TRP A 234 -15.63 17.68 10.07
N SER A 235 -16.51 18.15 10.94
CA SER A 235 -16.27 18.06 12.37
C SER A 235 -16.42 16.58 12.71
N ASP A 236 -15.89 16.18 13.86
CA ASP A 236 -15.99 14.80 14.27
C ASP A 236 -17.45 14.40 14.30
N GLU A 237 -18.30 15.25 14.86
CA GLU A 237 -19.71 14.94 14.96
C GLU A 237 -20.41 14.72 13.61
N ARG A 238 -20.05 15.53 12.62
CA ARG A 238 -20.63 15.39 11.29
C ARG A 238 -20.19 14.04 10.68
N PHE A 239 -18.94 13.65 10.94
CA PHE A 239 -18.43 12.39 10.43
C PHE A 239 -19.17 11.20 11.02
N TRP A 240 -19.34 11.16 12.33
CA TRP A 240 -20.02 10.05 12.99
C TRP A 240 -21.47 9.92 12.53
N THR A 241 -22.15 11.04 12.37
CA THR A 241 -23.54 11.07 11.93
C THR A 241 -23.64 10.53 10.51
N GLU A 242 -22.68 10.89 9.67
CA GLU A 242 -22.62 10.43 8.30
C GLU A 242 -22.31 8.94 8.25
N LEU A 243 -21.31 8.52 9.01
CA LEU A 243 -20.93 7.10 9.06
C LEU A 243 -22.14 6.26 9.46
N LYS A 244 -22.84 6.70 10.51
CA LYS A 244 -23.99 5.97 11.01
C LYS A 244 -25.11 5.89 10.02
N ALA A 245 -25.26 6.92 9.20
CA ALA A 245 -26.33 6.91 8.21
C ALA A 245 -26.07 5.91 7.08
N ARG A 246 -24.80 5.52 6.89
CA ARG A 246 -24.43 4.58 5.84
C ARG A 246 -24.30 3.12 6.25
N LEU A 247 -24.40 2.85 7.54
CA LEU A 247 -24.27 1.49 8.02
C LEU A 247 -25.64 0.87 8.37
N PRO A 248 -25.70 -0.48 8.42
CA PRO A 248 -26.91 -1.22 8.77
C PRO A 248 -27.28 -0.76 10.18
N SER A 249 -28.57 -0.67 10.49
CA SER A 249 -29.00 -0.20 11.81
C SER A 249 -28.40 -0.93 13.00
N GLU A 250 -28.35 -2.26 12.95
CA GLU A 250 -27.80 -3.03 14.07
C GLU A 250 -26.31 -2.79 14.32
N VAL A 251 -25.60 -2.32 13.29
CA VAL A 251 -24.17 -2.01 13.39
C VAL A 251 -24.01 -0.58 13.91
N ALA A 252 -24.81 0.35 13.40
CA ALA A 252 -24.75 1.75 13.83
C ALA A 252 -25.15 1.96 15.30
N GLU A 253 -26.01 1.07 15.83
CA GLU A 253 -26.48 1.12 17.22
C GLU A 253 -25.39 0.84 18.27
N LYS A 254 -24.49 -0.09 17.95
CA LYS A 254 -23.41 -0.48 18.88
C LYS A 254 -22.07 0.21 18.63
N LEU A 255 -22.10 1.24 17.78
CA LEU A 255 -20.88 1.99 17.43
C LEU A 255 -20.49 2.93 18.57
N VAL A 256 -19.27 2.78 19.07
CA VAL A 256 -18.74 3.64 20.12
C VAL A 256 -18.00 4.73 19.36
N THR A 257 -18.40 5.99 19.56
CA THR A 257 -17.77 7.12 18.88
C THR A 257 -16.76 7.78 19.80
N GLY A 258 -15.99 8.73 19.27
CA GLY A 258 -15.03 9.40 20.10
C GLY A 258 -14.27 10.46 19.31
N PRO A 259 -13.50 11.31 19.98
CA PRO A 259 -12.74 12.35 19.25
C PRO A 259 -11.68 11.76 18.33
N SER A 260 -11.48 12.40 17.18
CA SER A 260 -10.51 11.93 16.21
C SER A 260 -9.09 12.25 16.60
N LEU A 261 -8.19 11.29 16.35
CA LEU A 261 -6.77 11.46 16.59
C LEU A 261 -6.15 11.93 15.26
N GLU A 262 -6.81 11.59 14.15
CA GLU A 262 -6.33 11.98 12.83
C GLU A 262 -7.51 11.97 11.91
N LYS A 263 -7.54 12.93 11.00
CA LYS A 263 -8.62 13.06 10.07
C LYS A 263 -7.99 13.60 8.78
N SER A 264 -8.26 12.94 7.63
CA SER A 264 -7.71 13.35 6.33
C SER A 264 -8.49 12.78 5.15
N ILE A 265 -8.34 13.41 3.98
CA ILE A 265 -9.01 12.96 2.76
C ILE A 265 -7.98 12.49 1.75
N ALA A 266 -8.18 11.27 1.25
CA ALA A 266 -7.27 10.69 0.26
C ALA A 266 -8.04 10.49 -1.04
N PRO A 267 -7.57 11.08 -2.15
CA PRO A 267 -8.25 10.92 -3.43
C PRO A 267 -7.98 9.53 -3.99
N LEU A 268 -8.90 8.99 -4.77
CA LEU A 268 -8.74 7.65 -5.33
C LEU A 268 -8.18 7.73 -6.76
N ARG A 269 -7.24 6.84 -7.09
CA ARG A 269 -6.62 6.86 -8.41
C ARG A 269 -5.94 5.54 -8.73
N SER A 270 -5.78 5.25 -10.01
CA SER A 270 -5.11 4.05 -10.51
C SER A 270 -4.01 4.60 -11.38
N PHE A 271 -2.83 4.03 -11.26
CA PHE A 271 -1.70 4.49 -12.04
C PHE A 271 -0.67 3.38 -12.17
N VAL A 272 -0.25 3.09 -13.39
CA VAL A 272 0.76 2.08 -13.62
C VAL A 272 1.68 2.61 -14.69
N VAL A 273 2.98 2.39 -14.53
CA VAL A 273 3.99 2.80 -15.48
C VAL A 273 4.68 1.55 -15.97
N GLU A 274 4.98 1.48 -17.28
CA GLU A 274 5.65 0.33 -17.87
C GLU A 274 6.76 0.86 -18.77
N PRO A 275 8.00 0.39 -18.60
CA PRO A 275 8.47 -0.61 -17.64
C PRO A 275 8.69 0.07 -16.30
N MET A 276 9.25 -0.66 -15.34
CA MET A 276 9.49 -0.13 -13.99
C MET A 276 10.98 0.05 -13.75
N GLN A 277 11.75 0.27 -14.80
CA GLN A 277 13.18 0.40 -14.61
C GLN A 277 13.79 1.10 -15.80
N HIS A 278 15.00 1.59 -15.60
CA HIS A 278 15.73 2.27 -16.63
C HIS A 278 17.22 2.20 -16.24
N GLY A 279 18.02 1.53 -17.05
CA GLY A 279 19.43 1.43 -16.74
C GLY A 279 19.62 0.76 -15.39
N ARG A 280 20.28 1.46 -14.47
CA ARG A 280 20.55 0.93 -13.15
C ARG A 280 19.60 1.45 -12.07
N LEU A 281 18.47 2.00 -12.52
CA LEU A 281 17.42 2.51 -11.66
C LEU A 281 16.22 1.56 -11.74
N PHE A 282 15.72 1.13 -10.59
CA PHE A 282 14.56 0.24 -10.50
C PHE A 282 13.52 0.91 -9.60
N LEU A 283 12.29 1.01 -10.10
CA LEU A 283 11.19 1.63 -9.35
C LEU A 283 10.46 0.55 -8.55
N ALA A 284 10.06 0.89 -7.33
CA ALA A 284 9.33 -0.04 -6.47
C ALA A 284 8.23 0.69 -5.70
N GLY A 285 7.11 0.00 -5.45
CA GLY A 285 6.04 0.61 -4.69
C GLY A 285 5.33 1.77 -5.38
N ASP A 286 4.86 2.72 -4.57
CA ASP A 286 4.11 3.87 -5.08
C ASP A 286 4.82 4.69 -6.13
N ALA A 287 6.13 4.51 -6.25
CA ALA A 287 6.88 5.24 -7.26
C ALA A 287 6.54 4.71 -8.65
N ALA A 288 6.11 3.44 -8.71
CA ALA A 288 5.78 2.83 -9.98
C ALA A 288 4.29 2.64 -10.23
N HIS A 289 3.48 2.61 -9.18
CA HIS A 289 2.05 2.37 -9.34
C HIS A 289 1.23 2.74 -8.14
N ILE A 290 0.00 3.19 -8.42
CA ILE A 290 -0.95 3.57 -7.40
C ILE A 290 -2.22 2.77 -7.64
N VAL A 291 -2.81 2.22 -6.59
CA VAL A 291 -4.06 1.47 -6.73
C VAL A 291 -5.00 2.12 -5.76
N PRO A 292 -6.30 2.20 -6.11
CA PRO A 292 -7.23 2.82 -5.16
C PRO A 292 -7.21 1.93 -3.89
N PRO A 293 -7.38 2.55 -2.71
CA PRO A 293 -7.39 1.86 -1.41
C PRO A 293 -8.37 0.71 -1.23
N THR A 294 -9.48 0.74 -1.97
CA THR A 294 -10.53 -0.27 -1.84
C THR A 294 -10.11 -1.73 -1.71
N GLY A 295 -9.09 -2.15 -2.44
CA GLY A 295 -8.66 -3.53 -2.32
C GLY A 295 -7.53 -3.84 -1.32
N ALA A 296 -7.00 -2.81 -0.66
CA ALA A 296 -5.90 -2.96 0.31
C ALA A 296 -4.68 -3.61 -0.35
N LYS A 297 -4.34 -3.15 -1.55
CA LYS A 297 -3.23 -3.70 -2.31
C LYS A 297 -1.97 -2.86 -2.41
N GLY A 298 -2.07 -1.56 -2.16
CA GLY A 298 -0.91 -0.70 -2.28
C GLY A 298 0.39 -1.11 -1.62
N LEU A 299 0.36 -1.18 -0.29
CA LEU A 299 1.54 -1.56 0.48
C LEU A 299 1.88 -3.02 0.16
N ASN A 300 0.87 -3.81 -0.13
CA ASN A 300 1.10 -5.20 -0.43
C ASN A 300 1.79 -5.41 -1.78
N LEU A 301 1.51 -4.57 -2.75
CA LEU A 301 2.21 -4.66 -4.04
C LEU A 301 3.66 -4.18 -3.88
N ALA A 302 3.87 -3.21 -2.98
CA ALA A 302 5.20 -2.67 -2.73
C ALA A 302 6.07 -3.78 -2.17
N ALA A 303 5.47 -4.61 -1.33
CA ALA A 303 6.18 -5.72 -0.72
C ALA A 303 6.64 -6.72 -1.79
N SER A 304 5.75 -7.05 -2.73
CA SER A 304 6.11 -7.99 -3.80
C SER A 304 7.13 -7.42 -4.79
N ASP A 305 7.08 -6.12 -5.05
CA ASP A 305 8.07 -5.50 -5.94
C ASP A 305 9.43 -5.66 -5.23
N VAL A 306 9.43 -5.37 -3.93
CA VAL A 306 10.62 -5.44 -3.08
C VAL A 306 11.17 -6.86 -2.95
N SER A 307 10.29 -7.83 -2.73
CA SER A 307 10.72 -9.22 -2.63
C SER A 307 11.41 -9.60 -3.95
N THR A 308 10.83 -9.18 -5.07
CA THR A 308 11.39 -9.46 -6.37
C THR A 308 12.71 -8.74 -6.60
N LEU A 309 12.78 -7.46 -6.27
CA LEU A 309 14.02 -6.71 -6.47
C LEU A 309 15.19 -7.27 -5.63
N TYR A 310 14.90 -7.57 -4.37
CA TYR A 310 15.87 -8.15 -3.45
C TYR A 310 16.41 -9.49 -3.98
N ARG A 311 15.53 -10.41 -4.33
CA ARG A 311 15.99 -11.69 -4.83
C ARG A 311 16.82 -11.59 -6.09
N LEU A 312 16.49 -10.65 -6.97
CA LEU A 312 17.25 -10.46 -8.21
C LEU A 312 18.60 -9.85 -7.91
N LEU A 313 18.63 -8.91 -6.96
CA LEU A 313 19.89 -8.27 -6.56
C LEU A 313 20.82 -9.28 -5.90
N LEU A 314 20.24 -10.19 -5.10
CA LEU A 314 21.02 -11.20 -4.41
C LEU A 314 21.69 -12.06 -5.47
N LYS A 315 20.91 -12.46 -6.47
CA LYS A 315 21.43 -13.26 -7.56
C LYS A 315 22.54 -12.51 -8.24
N ALA A 316 22.37 -11.20 -8.40
CA ALA A 316 23.38 -10.38 -9.07
C ALA A 316 24.69 -10.30 -8.30
N TYR A 317 24.60 -10.08 -6.99
CA TYR A 317 25.80 -9.93 -6.18
C TYR A 317 26.43 -11.22 -5.73
N ARG A 318 25.59 -12.12 -5.24
CA ARG A 318 26.08 -13.40 -4.76
C ARG A 318 26.48 -14.34 -5.88
N GLU A 319 25.66 -14.44 -6.91
CA GLU A 319 25.92 -15.35 -8.01
C GLU A 319 26.46 -14.77 -9.32
N GLY A 320 26.73 -13.47 -9.33
CA GLY A 320 27.24 -12.85 -10.55
C GLY A 320 26.29 -12.92 -11.73
N ARG A 321 25.00 -13.15 -11.46
CA ARG A 321 23.98 -13.25 -12.50
C ARG A 321 23.28 -11.90 -12.69
N GLY A 322 24.05 -10.87 -13.06
CA GLY A 322 23.50 -9.54 -13.24
C GLY A 322 22.47 -9.42 -14.34
N GLU A 323 22.50 -10.33 -15.30
CA GLU A 323 21.54 -10.30 -16.41
C GLU A 323 20.08 -10.56 -16.03
N LEU A 324 19.84 -11.18 -14.88
CA LEU A 324 18.49 -11.49 -14.45
C LEU A 324 17.71 -10.23 -14.09
N LEU A 325 18.42 -9.15 -13.76
CA LEU A 325 17.76 -7.89 -13.39
C LEU A 325 16.87 -7.34 -14.51
N GLU A 326 17.12 -7.73 -15.75
CA GLU A 326 16.32 -7.26 -16.89
C GLU A 326 14.88 -7.76 -16.80
N ARG A 327 14.66 -8.83 -16.06
CA ARG A 327 13.35 -9.45 -15.92
C ARG A 327 12.47 -8.81 -14.85
N TYR A 328 13.03 -7.86 -14.10
CA TYR A 328 12.30 -7.20 -13.01
C TYR A 328 10.90 -6.70 -13.37
N SER A 329 10.83 -5.81 -14.36
CA SER A 329 9.56 -5.24 -14.79
C SER A 329 8.56 -6.29 -15.22
N ALA A 330 8.98 -7.24 -16.05
CA ALA A 330 8.08 -8.29 -16.54
C ALA A 330 7.46 -9.08 -15.40
N ILE A 331 8.27 -9.40 -14.40
CA ILE A 331 7.80 -10.18 -13.26
C ILE A 331 6.83 -9.40 -12.39
N CYS A 332 7.18 -8.16 -12.04
CA CYS A 332 6.31 -7.33 -11.20
C CYS A 332 4.97 -6.95 -11.85
N LEU A 333 5.02 -6.55 -13.11
CA LEU A 333 3.82 -6.13 -13.83
C LEU A 333 2.73 -7.18 -13.91
N ARG A 334 3.09 -8.46 -13.99
CA ARG A 334 2.06 -9.49 -14.02
C ARG A 334 1.20 -9.39 -12.76
N ARG A 335 1.84 -9.25 -11.60
CA ARG A 335 1.12 -9.16 -10.33
C ARG A 335 0.40 -7.83 -10.14
N ILE A 336 1.06 -6.75 -10.58
CA ILE A 336 0.50 -5.41 -10.46
C ILE A 336 -0.82 -5.29 -11.21
N TRP A 337 -0.86 -5.73 -12.47
CA TRP A 337 -2.10 -5.65 -13.23
C TRP A 337 -3.27 -6.46 -12.66
N LYS A 338 -2.99 -7.65 -12.12
CA LYS A 338 -4.09 -8.42 -11.54
C LYS A 338 -4.60 -7.74 -10.26
N ALA A 339 -3.69 -7.15 -9.49
CA ALA A 339 -4.09 -6.44 -8.28
C ALA A 339 -4.81 -5.15 -8.65
N GLU A 340 -4.40 -4.49 -9.73
CA GLU A 340 -5.08 -3.29 -10.21
C GLU A 340 -6.49 -3.68 -10.65
N ARG A 341 -6.60 -4.78 -11.39
CA ARG A 341 -7.92 -5.22 -11.83
C ARG A 341 -8.84 -5.45 -10.62
N PHE A 342 -8.34 -6.12 -9.59
CA PHE A 342 -9.14 -6.37 -8.38
C PHE A 342 -9.53 -5.06 -7.65
N SER A 343 -8.57 -4.18 -7.43
CA SER A 343 -8.84 -2.90 -6.74
C SER A 343 -9.86 -2.07 -7.49
N TRP A 344 -9.77 -2.12 -8.82
CA TRP A 344 -10.68 -1.42 -9.70
C TRP A 344 -12.09 -2.04 -9.57
N TRP A 345 -12.17 -3.38 -9.59
CA TRP A 345 -13.46 -4.05 -9.47
C TRP A 345 -14.13 -3.71 -8.12
N MET A 346 -13.38 -3.77 -7.03
CA MET A 346 -13.89 -3.48 -5.68
C MET A 346 -14.41 -2.06 -5.63
N THR A 347 -13.62 -1.15 -6.19
CA THR A 347 -13.99 0.25 -6.23
C THR A 347 -15.31 0.46 -6.99
N SER A 348 -15.45 -0.18 -8.15
CA SER A 348 -16.66 0.00 -8.94
C SER A 348 -17.94 -0.61 -8.37
N VAL A 349 -17.82 -1.67 -7.56
CA VAL A 349 -19.04 -2.24 -7.00
C VAL A 349 -19.43 -1.68 -5.62
N LEU A 350 -18.48 -1.06 -4.90
CA LEU A 350 -18.77 -0.52 -3.55
C LEU A 350 -19.08 0.95 -3.45
N HIS A 351 -18.69 1.74 -4.44
CA HIS A 351 -18.91 3.18 -4.42
C HIS A 351 -20.08 3.69 -5.23
N ARG A 352 -20.54 4.89 -4.90
CA ARG A 352 -21.63 5.52 -5.64
C ARG A 352 -21.00 6.49 -6.62
N PHE A 353 -21.25 6.28 -7.90
CA PHE A 353 -20.69 7.14 -8.95
C PHE A 353 -21.64 8.28 -9.37
N PRO A 354 -21.09 9.48 -9.70
CA PRO A 354 -21.88 10.64 -10.12
C PRO A 354 -22.55 10.35 -11.47
N ASP A 355 -23.81 10.76 -11.61
CA ASP A 355 -24.54 10.57 -12.86
C ASP A 355 -24.45 9.16 -13.41
N THR A 356 -25.04 8.22 -12.68
CA THR A 356 -25.06 6.83 -13.08
C THR A 356 -26.47 6.58 -13.62
N ASP A 357 -26.60 5.94 -14.78
CA ASP A 357 -27.95 5.66 -15.30
C ASP A 357 -28.58 4.47 -14.57
N ALA A 358 -29.90 4.33 -14.67
CA ALA A 358 -30.61 3.24 -14.00
C ALA A 358 -30.04 1.85 -14.27
N PHE A 359 -29.74 1.57 -15.53
CA PHE A 359 -29.18 0.27 -15.88
C PHE A 359 -27.91 -0.04 -15.06
N SER A 360 -26.90 0.84 -15.09
CA SER A 360 -25.66 0.63 -14.34
C SER A 360 -25.81 0.42 -12.83
N GLN A 361 -26.76 1.13 -12.22
CA GLN A 361 -27.01 0.97 -10.79
C GLN A 361 -27.50 -0.44 -10.53
N ARG A 362 -28.40 -0.92 -11.40
CA ARG A 362 -28.93 -2.26 -11.29
C ARG A 362 -27.85 -3.29 -11.55
N ILE A 363 -26.96 -3.01 -12.51
CA ILE A 363 -25.89 -3.96 -12.78
C ILE A 363 -24.94 -4.01 -11.56
N GLN A 364 -24.73 -2.85 -10.93
CA GLN A 364 -23.84 -2.78 -9.76
C GLN A 364 -24.36 -3.63 -8.61
N GLN A 365 -25.64 -3.51 -8.35
CA GLN A 365 -26.28 -4.26 -7.30
C GLN A 365 -26.24 -5.77 -7.65
N THR A 366 -26.46 -6.10 -8.92
CA THR A 366 -26.46 -7.50 -9.39
C THR A 366 -25.04 -8.13 -9.31
N GLU A 367 -24.00 -7.33 -9.54
CA GLU A 367 -22.63 -7.82 -9.42
C GLU A 367 -22.46 -8.31 -7.99
N LEU A 368 -22.88 -7.50 -7.03
CA LEU A 368 -22.77 -7.86 -5.63
C LEU A 368 -23.56 -9.12 -5.33
N GLU A 369 -24.81 -9.13 -5.72
CA GLU A 369 -25.66 -10.28 -5.47
C GLU A 369 -25.11 -11.54 -6.08
N TYR A 370 -24.51 -11.44 -7.26
CA TYR A 370 -23.97 -12.64 -7.87
C TYR A 370 -22.71 -13.10 -7.15
N TYR A 371 -21.71 -12.23 -7.06
CA TYR A 371 -20.46 -12.62 -6.43
C TYR A 371 -20.56 -13.08 -4.99
N LEU A 372 -21.50 -12.50 -4.24
CA LEU A 372 -21.71 -12.84 -2.84
C LEU A 372 -22.65 -14.03 -2.63
N GLY A 373 -23.32 -14.46 -3.70
CA GLY A 373 -24.25 -15.57 -3.57
C GLY A 373 -23.76 -16.86 -4.20
N SER A 374 -22.72 -16.78 -5.01
CA SER A 374 -22.18 -17.94 -5.67
C SER A 374 -20.89 -18.40 -5.01
N GLU A 375 -20.74 -19.70 -4.81
CA GLU A 375 -19.52 -20.25 -4.21
C GLU A 375 -18.31 -19.89 -5.07
N ALA A 376 -18.50 -19.90 -6.39
CA ALA A 376 -17.40 -19.55 -7.30
C ALA A 376 -17.10 -18.03 -7.27
N GLY A 377 -18.16 -17.22 -7.13
CA GLY A 377 -18.02 -15.78 -7.06
C GLY A 377 -17.24 -15.42 -5.81
N LEU A 378 -17.64 -16.00 -4.68
CA LEU A 378 -17.00 -15.77 -3.40
C LEU A 378 -15.52 -16.10 -3.44
N ALA A 379 -15.19 -17.21 -4.09
CA ALA A 379 -13.79 -17.62 -4.19
C ALA A 379 -12.93 -16.68 -5.00
N THR A 380 -13.49 -16.01 -6.00
CA THR A 380 -12.70 -15.07 -6.79
C THR A 380 -12.38 -13.84 -5.93
N ILE A 381 -13.30 -13.46 -5.07
CA ILE A 381 -13.06 -12.31 -4.21
C ILE A 381 -12.00 -12.69 -3.17
N ALA A 382 -12.26 -13.79 -2.49
CA ALA A 382 -11.38 -14.28 -1.45
C ALA A 382 -9.94 -14.52 -1.89
N GLU A 383 -9.73 -15.19 -3.02
CA GLU A 383 -8.37 -15.43 -3.44
C GLU A 383 -7.66 -14.14 -3.81
N ASN A 384 -8.40 -13.18 -4.32
CA ASN A 384 -7.81 -11.91 -4.69
C ASN A 384 -7.56 -11.10 -3.46
N TYR A 385 -8.46 -11.22 -2.49
CA TYR A 385 -8.35 -10.44 -1.28
C TYR A 385 -7.15 -10.86 -0.45
N VAL A 386 -6.93 -12.16 -0.29
CA VAL A 386 -5.79 -12.61 0.51
C VAL A 386 -4.49 -12.37 -0.22
N GLY A 387 -4.59 -12.21 -1.53
CA GLY A 387 -3.39 -11.94 -2.31
C GLY A 387 -2.97 -13.12 -3.13
N LEU A 388 -2.84 -12.89 -4.43
CA LEU A 388 -2.41 -13.91 -5.36
C LEU A 388 -0.95 -14.25 -5.01
N PRO A 389 -0.52 -15.49 -5.30
CA PRO A 389 0.86 -15.91 -5.00
C PRO A 389 1.96 -15.11 -5.73
N TYR A 390 3.11 -14.94 -5.06
CA TYR A 390 4.24 -14.25 -5.65
C TYR A 390 4.81 -15.20 -6.69
N GLU A 391 5.44 -14.68 -7.74
CA GLU A 391 6.06 -15.54 -8.75
C GLU A 391 7.46 -15.88 -8.23
N GLU A 392 8.01 -17.02 -8.62
CA GLU A 392 9.32 -17.44 -8.12
C GLU A 392 10.60 -16.95 -8.81
N ILE A 393 10.49 -16.41 -10.04
CA ILE A 393 11.65 -15.89 -10.78
C ILE A 393 12.49 -17.00 -11.45
N GLU A 394 13.23 -16.62 -12.50
CA GLU A 394 14.12 -17.50 -13.26
C GLU A 394 13.40 -18.54 -14.10
PA FAD B . 5.60 5.99 0.52
O1A FAD B . 4.95 5.45 1.71
O2A FAD B . 4.95 7.10 -0.20
O5B FAD B . 6.99 6.47 1.04
C5B FAD B . 7.81 7.10 0.09
C4B FAD B . 8.86 7.90 0.83
O4B FAD B . 9.78 8.51 -0.08
C3B FAD B . 8.29 9.00 1.72
O3B FAD B . 8.94 8.83 2.97
C2B FAD B . 8.82 10.21 1.04
O2B FAD B . 9.04 11.28 1.93
C1B FAD B . 10.07 9.82 0.39
N9A FAD B . 10.50 10.75 -0.66
C8A FAD B . 9.67 11.37 -1.59
N7A FAD B . 10.32 12.12 -2.46
C5A FAD B . 11.64 12.02 -2.11
C6A FAD B . 12.75 12.60 -2.68
N6A FAD B . 12.62 13.34 -3.79
N1A FAD B . 13.95 12.31 -2.11
C2A FAD B . 13.98 11.50 -1.08
N3A FAD B . 12.96 10.89 -0.46
C4A FAD B . 11.81 11.19 -1.03
N1 FAD B . -2.20 -0.60 1.05
C2 FAD B . -2.36 -1.85 1.56
O2 FAD B . -1.80 -2.79 1.02
N3 FAD B . -3.33 -2.02 2.55
C4 FAD B . -4.20 -1.00 3.04
O4 FAD B . -4.91 -1.29 4.05
C4X FAD B . -3.99 0.33 2.41
N5 FAD B . -4.80 1.35 2.78
C5X FAD B . -4.42 2.53 2.30
C6 FAD B . -5.25 3.57 2.72
C7 FAD B . -5.01 4.84 2.39
C7M FAD B . -6.11 5.86 2.69
C8 FAD B . -3.85 5.16 1.60
C8M FAD B . -3.46 6.59 1.27
C9 FAD B . -3.02 4.17 1.17
C9A FAD B . -3.33 2.84 1.53
N10 FAD B . -2.59 1.76 1.10
C10 FAD B . -2.98 0.43 1.46
C1' FAD B . -1.43 2.01 0.24
C2' FAD B . -0.07 2.16 0.96
O2' FAD B . -0.17 3.16 1.99
C3' FAD B . 1.02 2.59 -0.02
O3' FAD B . 0.99 1.79 -1.20
C4' FAD B . 2.42 2.59 0.65
O4' FAD B . 2.60 3.80 1.47
C5' FAD B . 3.58 2.51 -0.36
O5' FAD B . 4.87 2.71 0.23
P FAD B . 6.12 3.31 -0.43
O1P FAD B . 7.26 3.12 0.46
O2P FAD B . 6.26 2.83 -1.80
O3P FAD B . 5.87 4.84 -0.57
C1' PAB C . -7.48 0.59 6.80
O1' PAB C . -6.78 1.60 6.92
O2' PAB C . -7.67 -0.02 7.85
C1 PAB C . -7.97 0.12 5.56
C2 PAB C . -7.75 0.76 4.35
C3 PAB C . -8.17 0.22 3.17
C4 PAB C . -8.84 -0.99 3.15
C5 PAB C . -9.07 -1.64 4.33
C6 PAB C . -8.64 -1.09 5.51
N4 PAB C . -9.29 -1.55 2.03
#